data_1RAO
#
_entry.id   1RAO
#
_cell.length_a   79.689
_cell.length_b   52.918
_cell.length_c   36.560
_cell.angle_alpha   90.00
_cell.angle_beta   103.46
_cell.angle_gamma   90.00
#
_symmetry.space_group_name_H-M   'C 1 2 1'
#
loop_
_entity.id
_entity.type
_entity.pdbx_description
1 polymer '2-amino-4-hydroxy-6-hydroxymethyldihydropteridine pyrophosphokinase'
2 non-polymer 'ADENOSINE MONOPHOSPHATE'
3 non-polymer 6-HYDROXYMETHYLPTERIN-DIPHOSPHATE
4 water water
#
_entity_poly.entity_id   1
_entity_poly.type   'polypeptide(L)'
_entity_poly.pdbx_seq_one_letter_code
;TVAYIAIGSNLASPLEQVNAALKALGDIPESHILTVSSFYRTPPLGPQDQPDYLNAAVALETSLAPEELLNHTQRIELQQ
GRVRKAERWGPRTLDLDIMLFGNEVINTERLTVPHYDMKNRGFMLWPLFEIAPELVFPDGEMLRQILHTRAFDKLNKW
;
_entity_poly.pdbx_strand_id   A
#
# COMPACT_ATOMS: atom_id res chain seq x y z
N THR A 1 6.25 -14.22 -8.78
CA THR A 1 6.48 -13.80 -7.40
C THR A 1 5.29 -13.02 -6.89
N VAL A 2 4.98 -13.26 -5.62
CA VAL A 2 3.89 -12.55 -4.99
C VAL A 2 4.44 -11.29 -4.32
N ALA A 3 4.01 -10.12 -4.79
CA ALA A 3 4.37 -8.84 -4.20
C ALA A 3 3.19 -8.33 -3.39
N TYR A 4 3.44 -7.71 -2.22
CA TYR A 4 2.35 -7.08 -1.50
C TYR A 4 2.55 -5.57 -1.57
N ILE A 5 1.47 -4.90 -2.00
CA ILE A 5 1.45 -3.46 -2.22
C ILE A 5 0.45 -2.80 -1.27
N ALA A 6 0.91 -1.76 -0.60
CA ALA A 6 0.03 -0.95 0.23
C ALA A 6 -0.50 0.24 -0.57
N ILE A 7 -1.80 0.48 -0.39
CA ILE A 7 -2.42 1.64 -1.00
C ILE A 7 -2.86 2.64 0.07
N GLY A 8 -2.52 3.91 -0.07
CA GLY A 8 -3.09 4.92 0.81
C GLY A 8 -3.50 6.12 -0.03
N SER A 9 -4.64 6.69 0.38
CA SER A 9 -5.12 7.92 -0.23
C SER A 9 -5.73 8.80 0.86
N ASN A 10 -5.38 10.08 0.92
CA ASN A 10 -5.98 10.94 1.95
C ASN A 10 -6.78 12.06 1.30
N LEU A 11 -7.24 11.81 0.09
CA LEU A 11 -8.31 12.61 -0.47
C LEU A 11 -9.52 12.65 0.43
N ALA A 12 -10.29 13.73 0.46
CA ALA A 12 -11.50 13.79 1.28
C ALA A 12 -12.53 12.72 0.91
N SER A 13 -12.65 12.45 -0.39
CA SER A 13 -13.51 11.42 -0.95
C SER A 13 -12.63 10.54 -1.85
N PRO A 14 -11.90 9.61 -1.25
CA PRO A 14 -10.89 8.85 -1.99
C PRO A 14 -11.35 7.60 -2.74
N LEU A 15 -12.63 7.21 -2.68
CA LEU A 15 -12.99 5.94 -3.31
C LEU A 15 -12.69 5.85 -4.79
N GLU A 16 -12.97 6.91 -5.55
CA GLU A 16 -12.70 6.76 -6.98
C GLU A 16 -11.21 6.76 -7.27
N GLN A 17 -10.43 7.55 -6.54
CA GLN A 17 -8.97 7.56 -6.73
C GLN A 17 -8.37 6.19 -6.41
N VAL A 18 -8.90 5.63 -5.30
CA VAL A 18 -8.35 4.33 -4.93
C VAL A 18 -8.75 3.30 -5.97
N ASN A 19 -10.01 3.33 -6.43
CA ASN A 19 -10.39 2.36 -7.47
C ASN A 19 -9.60 2.57 -8.76
N ALA A 20 -9.29 3.81 -9.10
CA ALA A 20 -8.52 4.01 -10.34
C ALA A 20 -7.11 3.44 -10.19
N ALA A 21 -6.61 3.64 -8.96
CA ALA A 21 -5.31 3.06 -8.66
C ALA A 21 -5.34 1.54 -8.79
N LEU A 22 -6.33 0.85 -8.24
CA LEU A 22 -6.46 -0.59 -8.28
C LEU A 22 -6.57 -1.10 -9.70
N LYS A 23 -7.38 -0.41 -10.53
CA LYS A 23 -7.44 -0.84 -11.92
C LYS A 23 -6.08 -0.73 -12.62
N ALA A 24 -5.40 0.38 -12.30
CA ALA A 24 -4.05 0.62 -12.85
C ALA A 24 -3.12 -0.49 -12.40
N LEU A 25 -3.18 -0.87 -11.13
CA LEU A 25 -2.35 -1.98 -10.66
C LEU A 25 -2.69 -3.24 -11.45
N GLY A 26 -3.97 -3.42 -11.79
CA GLY A 26 -4.38 -4.63 -12.50
C GLY A 26 -3.90 -4.65 -13.94
N ASP A 27 -3.46 -3.53 -14.48
CA ASP A 27 -3.03 -3.39 -15.87
C ASP A 27 -1.51 -3.44 -16.02
N ILE A 28 -0.80 -3.57 -14.87
CA ILE A 28 0.66 -3.62 -14.96
C ILE A 28 1.03 -4.86 -15.75
N PRO A 29 1.99 -4.72 -16.65
CA PRO A 29 2.34 -5.86 -17.49
C PRO A 29 3.01 -6.97 -16.67
N GLU A 30 2.88 -8.18 -17.18
CA GLU A 30 3.50 -9.37 -16.57
C GLU A 30 3.09 -9.57 -15.13
N SER A 31 1.84 -9.22 -14.79
CA SER A 31 1.44 -9.20 -13.40
C SER A 31 -0.06 -9.41 -13.31
N HIS A 32 -0.57 -9.97 -12.23
CA HIS A 32 -2.03 -9.88 -12.13
C HIS A 32 -2.36 -9.77 -10.62
N ILE A 33 -3.44 -9.10 -10.28
CA ILE A 33 -3.92 -9.02 -8.91
C ILE A 33 -4.46 -10.36 -8.45
N LEU A 34 -4.02 -10.81 -7.28
CA LEU A 34 -4.55 -12.04 -6.71
C LEU A 34 -5.73 -11.73 -5.80
N THR A 35 -5.55 -10.75 -4.90
CA THR A 35 -6.52 -10.41 -3.87
C THR A 35 -6.35 -8.95 -3.46
N VAL A 36 -7.46 -8.36 -2.98
CA VAL A 36 -7.45 -7.01 -2.47
C VAL A 36 -8.10 -7.01 -1.09
N SER A 37 -7.52 -6.36 -0.11
CA SER A 37 -8.09 -6.26 1.22
C SER A 37 -9.32 -5.37 1.27
N SER A 38 -10.00 -5.35 2.41
CA SER A 38 -11.08 -4.37 2.58
C SER A 38 -10.48 -2.98 2.53
N PHE A 39 -11.33 -1.98 2.43
CA PHE A 39 -10.85 -0.61 2.55
C PHE A 39 -10.98 -0.15 4.00
N TYR A 40 -9.88 0.35 4.58
CA TYR A 40 -9.92 0.85 5.94
C TYR A 40 -9.77 2.35 6.04
N ARG A 41 -10.36 2.90 7.10
CA ARG A 41 -10.32 4.34 7.34
C ARG A 41 -9.40 4.60 8.52
N THR A 42 -8.34 5.40 8.32
CA THR A 42 -7.40 5.56 9.42
C THR A 42 -7.06 7.03 9.62
N PRO A 43 -6.85 7.37 10.89
CA PRO A 43 -6.40 8.73 11.15
C PRO A 43 -4.97 8.86 10.63
N PRO A 44 -4.59 10.04 10.15
CA PRO A 44 -3.23 10.28 9.64
C PRO A 44 -2.21 10.41 10.76
N LEU A 45 -0.95 10.30 10.37
CA LEU A 45 0.15 10.48 11.31
C LEU A 45 0.44 11.98 11.41
N GLY A 46 1.12 12.37 12.48
CA GLY A 46 1.29 13.79 12.73
C GLY A 46 -0.01 14.41 13.23
N PRO A 47 -0.19 15.71 13.01
CA PRO A 47 -1.39 16.41 13.49
C PRO A 47 -2.67 15.86 12.86
N GLN A 48 -3.72 16.08 13.64
CA GLN A 48 -5.03 15.52 13.33
C GLN A 48 -5.95 16.54 12.70
N ASP A 49 -5.38 17.56 12.09
CA ASP A 49 -6.20 18.57 11.38
C ASP A 49 -6.16 18.23 9.90
N GLN A 50 -5.86 16.95 9.67
CA GLN A 50 -5.70 16.46 8.31
C GLN A 50 -6.74 15.38 8.04
N PRO A 51 -6.99 15.14 6.77
CA PRO A 51 -7.93 14.12 6.32
C PRO A 51 -7.43 12.74 6.71
N ASP A 52 -8.41 11.92 7.04
CA ASP A 52 -8.10 10.54 7.14
C ASP A 52 -7.65 9.88 5.90
N TYR A 53 -6.99 8.74 6.06
CA TYR A 53 -6.58 7.91 4.95
C TYR A 53 -7.48 6.70 4.72
N LEU A 54 -7.62 6.37 3.44
CA LEU A 54 -8.13 5.04 3.07
C LEU A 54 -6.89 4.19 2.83
N ASN A 55 -6.84 3.04 3.49
CA ASN A 55 -5.72 2.15 3.23
C ASN A 55 -6.23 0.75 2.88
N ALA A 56 -5.42 0.11 2.04
CA ALA A 56 -5.68 -1.24 1.63
C ALA A 56 -4.38 -1.92 1.19
N ALA A 57 -4.47 -3.25 1.18
CA ALA A 57 -3.34 -4.06 0.75
C ALA A 57 -3.76 -4.84 -0.50
N VAL A 58 -2.81 -5.04 -1.39
CA VAL A 58 -3.01 -5.78 -2.61
C VAL A 58 -1.91 -6.83 -2.77
N ALA A 59 -2.35 -8.04 -3.06
CA ALA A 59 -1.43 -9.10 -3.45
C ALA A 59 -1.35 -9.10 -4.97
N LEU A 60 -0.16 -8.94 -5.50
CA LEU A 60 0.05 -8.92 -6.96
C LEU A 60 1.01 -10.03 -7.37
N GLU A 61 0.60 -10.90 -8.28
CA GLU A 61 1.50 -11.87 -8.85
C GLU A 61 2.24 -11.20 -10.00
N THR A 62 3.56 -11.38 -10.05
CA THR A 62 4.32 -10.65 -11.05
C THR A 62 5.61 -11.40 -11.37
N SER A 63 6.02 -11.27 -12.63
CA SER A 63 7.33 -11.75 -13.07
C SER A 63 8.25 -10.54 -13.36
N LEU A 64 7.76 -9.33 -13.01
CA LEU A 64 8.69 -8.21 -13.08
C LEU A 64 9.76 -8.29 -11.99
N ALA A 65 10.90 -7.64 -12.22
CA ALA A 65 11.86 -7.33 -11.17
C ALA A 65 11.34 -6.26 -10.21
N PRO A 66 11.80 -6.31 -8.96
CA PRO A 66 11.32 -5.36 -7.95
C PRO A 66 11.36 -3.91 -8.41
N GLU A 67 12.50 -3.52 -8.97
CA GLU A 67 12.64 -2.11 -9.36
C GLU A 67 11.79 -1.78 -10.59
N GLU A 68 11.47 -2.73 -11.44
CA GLU A 68 10.51 -2.55 -12.53
C GLU A 68 9.11 -2.36 -11.97
N LEU A 69 8.79 -3.19 -10.97
CA LEU A 69 7.51 -3.02 -10.31
C LEU A 69 7.44 -1.60 -9.73
N LEU A 70 8.55 -1.14 -9.13
CA LEU A 70 8.55 0.22 -8.57
C LEU A 70 8.39 1.25 -9.67
N ASN A 71 8.99 1.06 -10.85
CA ASN A 71 8.76 2.01 -11.95
C ASN A 71 7.26 2.17 -12.20
N HIS A 72 6.53 1.04 -12.23
CA HIS A 72 5.10 1.05 -12.52
C HIS A 72 4.28 1.70 -11.42
N THR A 73 4.60 1.38 -10.17
CA THR A 73 3.83 2.04 -9.12
C THR A 73 4.11 3.53 -9.06
N GLN A 74 5.33 3.95 -9.37
CA GLN A 74 5.63 5.39 -9.37
C GLN A 74 4.99 6.07 -10.57
N ARG A 75 4.92 5.35 -11.69
CA ARG A 75 4.21 5.86 -12.86
C ARG A 75 2.74 6.09 -12.51
N ILE A 76 2.13 5.11 -11.88
CA ILE A 76 0.70 5.28 -11.49
C ILE A 76 0.55 6.47 -10.56
N GLU A 77 1.41 6.58 -9.54
CA GLU A 77 1.35 7.78 -8.68
C GLU A 77 1.42 9.05 -9.50
N LEU A 78 2.28 9.07 -10.54
CA LEU A 78 2.39 10.32 -11.32
C LEU A 78 1.14 10.56 -12.17
N GLN A 79 0.58 9.54 -12.78
CA GLN A 79 -0.56 9.66 -13.67
C GLN A 79 -1.91 9.80 -13.01
N GLN A 80 -2.14 9.13 -11.87
CA GLN A 80 -3.43 9.08 -11.21
C GLN A 80 -3.38 9.67 -9.80
N GLY A 81 -2.20 10.05 -9.30
CA GLY A 81 -2.12 10.39 -7.90
C GLY A 81 -2.61 11.77 -7.54
N ARG A 82 -2.87 12.64 -8.50
CA ARG A 82 -3.39 13.97 -8.26
C ARG A 82 -4.83 14.11 -8.71
N VAL A 83 -5.69 14.75 -7.92
CA VAL A 83 -7.03 15.02 -8.48
C VAL A 83 -7.06 16.48 -8.91
N ARG A 84 -7.84 16.73 -9.96
CA ARG A 84 -7.89 18.07 -10.55
C ARG A 84 -8.81 18.87 -9.63
N LYS A 85 -8.26 19.93 -9.07
CA LYS A 85 -8.86 20.92 -8.22
C LYS A 85 -9.27 22.03 -9.19
C LYS A 85 -9.24 22.32 -8.75
N ALA A 86 -10.09 22.97 -8.79
N ALA A 86 -10.39 22.58 -9.42
CA ALA A 86 -10.72 23.87 -9.80
CA ALA A 86 -10.67 23.92 -9.80
C ALA A 86 -9.60 24.52 -10.69
N GLU A 87 -8.69 25.39 -10.22
CA GLU A 87 -7.67 26.09 -10.98
C GLU A 87 -6.51 25.18 -11.30
N ARG A 88 -6.39 24.04 -10.64
CA ARG A 88 -5.22 23.25 -10.97
C ARG A 88 -5.26 21.80 -10.49
N TRP A 89 -4.17 21.10 -10.83
CA TRP A 89 -4.06 19.72 -10.33
C TRP A 89 -3.69 19.84 -8.87
N GLY A 90 -4.31 19.06 -8.01
CA GLY A 90 -4.04 19.19 -6.58
C GLY A 90 -2.80 18.40 -6.20
N PRO A 91 -2.53 18.41 -4.89
CA PRO A 91 -1.34 17.73 -4.36
C PRO A 91 -1.51 16.24 -4.56
N ARG A 92 -0.39 15.54 -4.67
CA ARG A 92 -0.53 14.08 -4.75
C ARG A 92 -1.24 13.57 -3.48
N THR A 93 -2.19 12.65 -3.66
CA THR A 93 -2.88 12.12 -2.50
C THR A 93 -2.88 10.59 -2.50
N LEU A 94 -2.06 10.04 -3.39
CA LEU A 94 -2.05 8.57 -3.53
C LEU A 94 -0.63 8.07 -3.30
N ASP A 95 -0.57 7.10 -2.39
CA ASP A 95 0.64 6.41 -2.11
C ASP A 95 0.55 4.92 -2.45
N LEU A 96 1.55 4.49 -3.20
CA LEU A 96 1.62 3.06 -3.51
C LEU A 96 2.96 2.56 -2.99
N ASP A 97 3.00 1.58 -2.10
CA ASP A 97 4.27 1.14 -1.55
C ASP A 97 4.37 -0.39 -1.66
N ILE A 98 5.60 -0.78 -1.97
CA ILE A 98 5.89 -2.19 -2.01
C ILE A 98 6.28 -2.64 -0.60
N MET A 99 5.39 -3.42 0.01
CA MET A 99 5.66 -3.91 1.37
C MET A 99 6.57 -5.12 1.38
N LEU A 100 6.32 -6.10 0.54
CA LEU A 100 7.07 -7.33 0.49
C LEU A 100 7.19 -7.75 -0.96
N PHE A 101 8.23 -8.46 -1.33
CA PHE A 101 8.40 -8.93 -2.70
C PHE A 101 8.93 -10.37 -2.60
N GLY A 102 8.03 -11.31 -2.82
CA GLY A 102 8.37 -12.71 -2.52
C GLY A 102 8.96 -12.72 -1.11
N ASN A 103 10.06 -13.44 -0.96
CA ASN A 103 10.81 -13.52 0.28
C ASN A 103 12.08 -12.70 0.20
N GLU A 104 12.06 -11.71 -0.70
CA GLU A 104 13.33 -11.02 -0.92
C GLU A 104 13.58 -9.87 0.02
N VAL A 105 14.86 -9.67 0.29
CA VAL A 105 15.32 -8.50 1.04
C VAL A 105 15.98 -7.54 0.06
N ILE A 106 15.54 -6.29 0.05
CA ILE A 106 16.14 -5.36 -0.95
C ILE A 106 16.57 -4.10 -0.25
N ASN A 107 17.80 -3.65 -0.51
CA ASN A 107 18.28 -2.43 0.10
C ASN A 107 18.99 -1.63 -0.98
N THR A 108 18.29 -0.87 -1.81
CA THR A 108 18.95 -0.16 -2.90
C THR A 108 18.68 1.33 -2.65
N GLU A 109 19.30 2.20 -3.45
CA GLU A 109 19.01 3.61 -3.35
C GLU A 109 17.52 3.90 -3.45
N ARG A 110 16.85 3.13 -4.31
CA ARG A 110 15.43 3.39 -4.61
C ARG A 110 14.48 2.58 -3.76
N LEU A 111 14.88 1.39 -3.33
CA LEU A 111 13.92 0.41 -2.79
C LEU A 111 14.40 -0.20 -1.49
N THR A 112 13.56 -0.12 -0.46
CA THR A 112 13.82 -0.86 0.77
C THR A 112 12.66 -1.81 0.99
N VAL A 113 12.95 -3.09 0.87
CA VAL A 113 11.94 -4.13 1.05
C VAL A 113 12.47 -5.10 2.08
N PRO A 114 11.73 -5.52 3.09
CA PRO A 114 10.40 -5.08 3.55
C PRO A 114 10.28 -3.56 3.78
N HIS A 115 9.10 -3.02 3.60
CA HIS A 115 8.91 -1.57 3.67
C HIS A 115 9.51 -1.08 4.99
N TYR A 116 10.19 0.03 4.88
CA TYR A 116 11.07 0.51 5.97
C TYR A 116 10.38 0.76 7.29
N ASP A 117 9.08 0.95 7.35
CA ASP A 117 8.51 1.26 8.67
C ASP A 117 7.17 0.59 8.93
N MET A 118 6.84 -0.38 8.10
CA MET A 118 5.52 -1.03 8.16
C MET A 118 5.27 -1.63 9.53
N LYS A 119 6.32 -2.08 10.20
CA LYS A 119 6.07 -2.74 11.49
C LYS A 119 5.59 -1.73 12.53
N ASN A 120 5.72 -0.42 12.27
CA ASN A 120 5.20 0.57 13.19
C ASN A 120 3.79 0.99 12.83
N ARG A 121 3.19 0.46 11.77
CA ARG A 121 1.99 1.06 11.20
C ARG A 121 0.87 0.05 11.07
N GLY A 122 -0.06 0.19 12.02
CA GLY A 122 -1.16 -0.77 11.96
C GLY A 122 -1.92 -0.61 10.66
N PHE A 123 -1.93 0.60 10.09
CA PHE A 123 -2.69 0.85 8.85
C PHE A 123 -2.07 0.10 7.68
N MET A 124 -0.82 -0.36 7.84
CA MET A 124 -0.21 -1.22 6.84
C MET A 124 -0.34 -2.70 7.23
N LEU A 125 -0.16 -2.99 8.52
CA LEU A 125 -0.15 -4.36 9.00
C LEU A 125 -1.52 -5.03 8.95
N TRP A 126 -2.55 -4.26 9.35
CA TRP A 126 -3.86 -4.92 9.45
C TRP A 126 -4.44 -5.26 8.10
N PRO A 127 -4.43 -4.39 7.10
CA PRO A 127 -4.90 -4.83 5.78
C PRO A 127 -4.12 -6.03 5.25
N LEU A 128 -2.82 -6.07 5.50
CA LEU A 128 -2.00 -7.17 5.03
C LEU A 128 -2.43 -8.49 5.70
N PHE A 129 -2.71 -8.32 7.00
CA PHE A 129 -3.06 -9.46 7.83
C PHE A 129 -4.39 -10.06 7.38
N GLU A 130 -5.29 -9.20 6.86
CA GLU A 130 -6.56 -9.70 6.34
C GLU A 130 -6.34 -10.59 5.14
N ILE A 131 -5.40 -10.23 4.25
CA ILE A 131 -5.20 -11.06 3.05
C ILE A 131 -4.07 -12.08 3.18
N ALA A 132 -3.21 -12.04 4.20
CA ALA A 132 -2.10 -12.96 4.43
C ALA A 132 -1.84 -13.16 5.92
N PRO A 133 -2.81 -13.72 6.65
CA PRO A 133 -2.65 -13.82 8.10
C PRO A 133 -1.45 -14.67 8.51
N GLU A 134 -1.00 -15.58 7.64
CA GLU A 134 0.07 -16.52 7.98
C GLU A 134 1.45 -16.06 7.52
N LEU A 135 1.49 -14.83 7.04
CA LEU A 135 2.68 -14.29 6.41
C LEU A 135 3.88 -14.31 7.36
N VAL A 136 4.99 -14.70 6.76
CA VAL A 136 6.26 -14.63 7.44
C VAL A 136 7.22 -13.75 6.67
N PHE A 137 7.92 -12.87 7.37
CA PHE A 137 8.88 -11.99 6.72
C PHE A 137 10.17 -12.74 6.38
N PRO A 138 10.96 -12.22 5.46
CA PRO A 138 12.22 -12.85 5.04
C PRO A 138 13.12 -13.19 6.22
N ASP A 139 13.07 -12.39 7.28
CA ASP A 139 14.00 -12.66 8.37
C ASP A 139 13.43 -13.63 9.39
N GLY A 140 12.23 -14.17 9.18
CA GLY A 140 11.69 -15.10 10.17
C GLY A 140 10.65 -14.46 11.06
N GLU A 141 10.52 -13.11 11.08
CA GLU A 141 9.46 -12.53 11.90
C GLU A 141 8.11 -12.92 11.30
N MET A 142 7.04 -12.89 12.10
CA MET A 142 5.73 -13.26 11.60
C MET A 142 4.76 -12.10 11.73
N LEU A 143 3.93 -11.93 10.72
CA LEU A 143 3.02 -10.80 10.76
C LEU A 143 2.11 -10.85 11.98
N ARG A 144 1.61 -12.05 12.28
CA ARG A 144 0.81 -12.27 13.47
C ARG A 144 1.53 -11.84 14.76
N GLN A 145 2.82 -12.17 14.85
CA GLN A 145 3.69 -11.91 15.99
C GLN A 145 3.83 -10.41 16.15
N ILE A 146 4.04 -9.69 15.06
CA ILE A 146 4.18 -8.25 15.19
C ILE A 146 2.88 -7.65 15.69
N LEU A 147 1.73 -8.06 15.15
CA LEU A 147 0.49 -7.47 15.63
C LEU A 147 0.21 -7.87 17.08
N HIS A 148 0.53 -9.11 17.46
CA HIS A 148 0.28 -9.60 18.83
C HIS A 148 1.12 -8.75 19.79
N THR A 149 2.39 -8.51 19.45
CA THR A 149 3.31 -7.80 20.32
C THR A 149 2.95 -6.34 20.49
N ARG A 150 2.63 -5.69 19.36
CA ARG A 150 2.36 -4.25 19.44
C ARG A 150 0.92 -4.01 19.84
N ALA A 151 0.00 -4.94 19.60
CA ALA A 151 -1.41 -4.83 20.00
C ALA A 151 -2.07 -3.62 19.34
N PHE A 152 -1.64 -3.23 18.15
CA PHE A 152 -2.30 -2.15 17.43
C PHE A 152 -3.81 -2.39 17.33
N ASP A 153 -4.69 -1.44 17.63
CA ASP A 153 -6.12 -1.72 17.46
C ASP A 153 -6.46 -2.12 16.01
N LYS A 154 -7.49 -2.96 15.95
CA LYS A 154 -8.08 -3.34 14.67
C LYS A 154 -8.57 -2.05 13.98
N LEU A 155 -8.53 -1.96 12.65
CA LEU A 155 -8.99 -0.74 11.98
C LEU A 155 -10.48 -0.70 11.67
N ASN A 156 -11.00 0.52 11.52
CA ASN A 156 -12.38 0.61 11.06
C ASN A 156 -12.41 0.52 9.54
N LYS A 157 -13.42 -0.16 9.01
CA LYS A 157 -13.55 -0.23 7.56
C LYS A 157 -14.09 1.12 7.08
N TRP A 158 -13.80 1.43 5.82
CA TRP A 158 -14.30 2.67 5.22
C TRP A 158 -15.81 2.74 5.23
#